data_9EN3
#
_entry.id   9EN3
#
_cell.length_a   49.798
_cell.length_b   110.824
_cell.length_c   153.819
_cell.angle_alpha   90.000
_cell.angle_beta   90.000
_cell.angle_gamma   90.000
#
_symmetry.space_group_name_H-M   'I 2 2 2'
#
loop_
_entity.id
_entity.type
_entity.pdbx_description
1 polymer 'Probable N-acetyltransferase 16'
2 non-polymer GLYCEROL
3 non-polymer HISTIDINE
4 non-polymer S-Ethyl-CoA
5 non-polymer 'CHLORIDE ION'
6 water water
#
_entity_poly.entity_id   1
_entity_poly.type   'polypeptide(L)'
_entity_poly.pdbx_seq_one_letter_code
;MKLEPEAEAEPLDFVVATEREFEEVLAISGGIYGGLDYLPSRYHSWLRDPDRTVVLAKRNGGVIALESVNVIDAGETVLV
EGLRVAPWERGKGVAGLLQRFCSQLVKRQHPGVKVARLTRDDQLGPRELKKYRLITKQGILLVRFNASALLAGLGARLAA
LRTSGTFSPLPTEAVSEAGGDVARLLLSPSVQRDVLPGGTIIQDWQPYRPSESNLRLLAAKGLEWRVDSRARPRVLTLCT
RPFPIPHGGDGTWRYLNIDAFGSDGAQVQSQLLWHLQRQAPRLVGLNVMCQLFLEPQLWSQLADFCQVGLGLELVKGYTE
QYLLEADIHHHHHH
;
_entity_poly.pdbx_strand_id   A
#
loop_
_chem_comp.id
_chem_comp.type
_chem_comp.name
_chem_comp.formula
A2U non-polymer S-Ethyl-CoA 'C23 H40 N7 O16 P3 S'
CL non-polymer 'CHLORIDE ION' 'Cl -1'
GOL non-polymer GLYCEROL 'C3 H8 O3'
#
# COMPACT_ATOMS: atom_id res chain seq x y z
N MET A 1 -18.28 44.18 -0.96
CA MET A 1 -17.39 44.01 0.18
C MET A 1 -16.70 42.66 0.17
N LYS A 2 -15.50 42.61 0.73
CA LYS A 2 -14.71 41.39 0.77
C LYS A 2 -14.89 40.69 2.11
N LEU A 3 -14.65 39.39 2.11
CA LEU A 3 -14.76 38.59 3.32
C LEU A 3 -13.49 38.75 4.15
N GLU A 4 -13.65 39.23 5.40
CA GLU A 4 -12.54 39.44 6.29
C GLU A 4 -12.09 38.12 6.92
N PRO A 5 -10.79 37.97 7.18
CA PRO A 5 -10.29 36.69 7.70
C PRO A 5 -10.80 36.43 9.11
N GLU A 6 -11.20 35.20 9.37
CA GLU A 6 -11.71 34.82 10.68
C GLU A 6 -10.54 34.66 11.65
N ALA A 7 -10.59 35.42 12.75
CA ALA A 7 -9.57 35.29 13.79
C ALA A 7 -9.62 33.90 14.39
N GLU A 8 -8.46 33.41 14.82
CA GLU A 8 -8.33 32.09 15.41
C GLU A 8 -7.74 32.27 16.80
N ALA A 9 -8.46 31.79 17.82
CA ALA A 9 -7.92 31.87 19.17
C ALA A 9 -6.75 30.92 19.36
N GLU A 10 -6.77 29.78 18.69
CA GLU A 10 -5.75 28.76 18.84
C GLU A 10 -5.29 28.38 17.43
N PRO A 11 -4.49 29.23 16.81
CA PRO A 11 -4.05 28.95 15.44
C PRO A 11 -3.17 27.73 15.36
N LEU A 12 -3.18 27.11 14.18
CA LEU A 12 -2.38 25.92 13.94
C LEU A 12 -0.96 26.33 13.58
N ASP A 13 0.01 25.57 14.07
CA ASP A 13 1.41 25.72 13.69
C ASP A 13 1.84 24.47 12.96
N PHE A 14 2.44 24.65 11.79
CA PHE A 14 2.85 23.55 10.94
C PHE A 14 4.37 23.45 10.99
N VAL A 15 4.87 22.28 11.36
CA VAL A 15 6.28 22.05 11.60
C VAL A 15 6.69 20.70 11.01
N VAL A 16 7.97 20.57 10.73
CA VAL A 16 8.52 19.31 10.22
C VAL A 16 8.70 18.36 11.41
N ALA A 17 8.29 17.12 11.22
CA ALA A 17 8.33 16.13 12.29
C ALA A 17 9.75 15.73 12.61
N THR A 18 9.96 15.35 13.87
CA THR A 18 11.22 14.79 14.33
C THR A 18 10.94 13.52 15.14
N GLU A 19 12.00 12.82 15.52
CA GLU A 19 11.78 11.58 16.25
C GLU A 19 11.10 11.89 17.60
N ARG A 20 11.28 13.10 18.13
N ARG A 20 11.27 13.10 18.12
CA ARG A 20 10.76 13.39 19.46
CA ARG A 20 10.73 13.42 19.44
C ARG A 20 9.23 13.42 19.51
C ARG A 20 9.22 13.29 19.47
N GLU A 21 8.55 13.57 18.38
CA GLU A 21 7.09 13.59 18.35
C GLU A 21 6.44 12.24 18.08
N PHE A 22 7.22 11.14 18.02
CA PHE A 22 6.66 9.82 17.70
C PHE A 22 5.51 9.46 18.60
N GLU A 23 5.68 9.64 19.91
CA GLU A 23 4.64 9.19 20.82
C GLU A 23 3.38 10.04 20.67
N GLU A 24 3.52 11.35 20.46
CA GLU A 24 2.37 12.19 20.19
C GLU A 24 1.67 11.77 18.90
N VAL A 25 2.44 11.35 17.90
CA VAL A 25 1.85 10.90 16.64
C VAL A 25 1.06 9.61 16.88
N LEU A 26 1.62 8.69 17.65
CA LEU A 26 0.85 7.49 18.00
C LEU A 26 -0.45 7.88 18.68
N ALA A 27 -0.41 8.90 19.55
CA ALA A 27 -1.58 9.23 20.35
C ALA A 27 -2.71 9.81 19.52
N ILE A 28 -2.42 10.27 18.30
CA ILE A 28 -3.48 10.77 17.42
C ILE A 28 -3.96 9.71 16.43
N SER A 29 -3.38 8.51 16.48
CA SER A 29 -3.53 7.51 15.43
C SER A 29 -4.36 6.31 15.84
N GLY A 30 -5.05 6.37 16.98
CA GLY A 30 -5.86 5.25 17.40
C GLY A 30 -6.90 4.83 16.39
N GLY A 31 -6.94 3.53 16.09
CA GLY A 31 -7.97 2.96 15.25
C GLY A 31 -7.77 3.11 13.75
N ILE A 32 -6.70 3.76 13.30
CA ILE A 32 -6.55 4.04 11.88
C ILE A 32 -6.46 2.75 11.09
N TYR A 33 -7.19 2.70 9.97
CA TYR A 33 -7.21 1.54 9.06
C TYR A 33 -7.56 0.27 9.83
N GLY A 34 -8.38 0.40 10.87
CA GLY A 34 -8.83 -0.76 11.61
C GLY A 34 -7.70 -1.57 12.21
N GLY A 35 -6.59 -0.92 12.52
CA GLY A 35 -5.45 -1.60 13.08
C GLY A 35 -4.36 -1.93 12.08
N LEU A 36 -4.59 -1.66 10.79
CA LEU A 36 -3.59 -1.95 9.76
C LEU A 36 -2.68 -0.75 9.47
N ASP A 37 -2.63 0.21 10.38
CA ASP A 37 -1.77 1.38 10.20
C ASP A 37 -0.30 0.99 10.17
N TYR A 38 0.41 1.42 9.11
CA TYR A 38 1.83 1.19 8.96
C TYR A 38 2.69 2.22 9.68
N LEU A 39 2.11 3.31 10.13
CA LEU A 39 2.95 4.40 10.59
C LEU A 39 3.73 4.08 11.86
N PRO A 40 3.18 3.33 12.83
CA PRO A 40 4.01 2.97 13.99
C PRO A 40 5.31 2.31 13.59
N SER A 41 5.28 1.43 12.58
N SER A 41 5.30 1.45 12.57
CA SER A 41 6.48 0.72 12.19
CA SER A 41 6.48 0.72 12.15
C SER A 41 7.35 1.54 11.25
C SER A 41 7.27 1.41 11.06
N ARG A 42 6.78 2.54 10.57
CA ARG A 42 7.49 3.26 9.51
C ARG A 42 7.93 4.66 9.85
N TYR A 43 7.43 5.27 10.93
CA TYR A 43 7.69 6.67 11.20
C TYR A 43 9.17 7.01 11.20
N HIS A 44 9.99 6.20 11.87
CA HIS A 44 11.41 6.52 11.95
C HIS A 44 12.09 6.41 10.59
N SER A 45 11.69 5.41 9.79
N SER A 45 11.66 5.46 9.77
CA SER A 45 12.16 5.29 8.40
CA SER A 45 12.22 5.34 8.43
C SER A 45 11.83 6.55 7.61
C SER A 45 11.81 6.49 7.53
N TRP A 46 10.60 7.02 7.73
CA TRP A 46 10.19 8.21 7.01
C TRP A 46 11.11 9.39 7.24
N LEU A 47 11.60 9.54 8.48
CA LEU A 47 12.43 10.66 8.85
C LEU A 47 13.76 10.67 8.10
N ARG A 48 14.17 9.53 7.55
CA ARG A 48 15.44 9.37 6.85
C ARG A 48 15.32 9.58 5.35
N ASP A 49 14.13 9.62 4.82
CA ASP A 49 13.94 9.63 3.37
C ASP A 49 14.30 11.00 2.79
N PRO A 50 15.15 11.05 1.77
CA PRO A 50 15.70 12.33 1.32
C PRO A 50 14.72 13.23 0.59
N ASP A 51 13.65 12.68 -0.02
CA ASP A 51 12.72 13.48 -0.80
C ASP A 51 11.37 13.63 -0.12
N ARG A 52 11.32 13.27 1.16
CA ARG A 52 10.10 13.23 1.97
C ARG A 52 10.12 14.37 2.97
N THR A 53 8.98 15.03 3.14
CA THR A 53 8.81 15.99 4.24
C THR A 53 7.58 15.51 5.03
N VAL A 54 7.76 15.24 6.31
CA VAL A 54 6.67 14.83 7.19
C VAL A 54 6.26 16.07 7.99
N VAL A 55 5.02 16.53 7.79
CA VAL A 55 4.55 17.76 8.39
C VAL A 55 3.57 17.42 9.50
N LEU A 56 3.74 18.08 10.64
CA LEU A 56 2.81 18.00 11.76
C LEU A 56 2.09 19.34 11.89
N ALA A 57 0.80 19.28 12.17
CA ALA A 57 0.04 20.43 12.63
C ALA A 57 -0.04 20.36 14.15
N LYS A 58 0.23 21.47 14.82
CA LYS A 58 0.17 21.56 16.26
C LYS A 58 -0.85 22.62 16.66
N ARG A 59 -1.56 22.35 17.76
CA ARG A 59 -2.42 23.34 18.37
C ARG A 59 -2.08 23.40 19.85
N ASN A 60 -1.87 24.60 20.36
CA ASN A 60 -1.47 24.80 21.74
C ASN A 60 -0.23 23.98 22.10
N GLY A 61 0.68 23.85 21.14
CA GLY A 61 1.90 23.11 21.36
C GLY A 61 1.80 21.60 21.21
N GLY A 62 0.62 21.06 20.93
CA GLY A 62 0.41 19.62 20.86
C GLY A 62 0.13 19.19 19.43
N VAL A 63 0.67 18.03 19.04
CA VAL A 63 0.45 17.50 17.69
C VAL A 63 -1.01 17.09 17.55
N ILE A 64 -1.67 17.57 16.49
CA ILE A 64 -3.03 17.13 16.21
C ILE A 64 -3.25 16.54 14.81
N ALA A 65 -2.23 16.61 13.96
CA ALA A 65 -2.39 16.09 12.61
C ALA A 65 -1.02 15.86 11.98
N LEU A 66 -1.02 15.01 10.94
CA LEU A 66 0.19 14.65 10.23
C LEU A 66 -0.12 14.40 8.76
N GLU A 67 0.83 14.78 7.90
CA GLU A 67 0.80 14.46 6.48
C GLU A 67 2.24 14.32 6.00
N SER A 68 2.49 13.33 5.15
CA SER A 68 3.77 13.17 4.46
C SER A 68 3.62 13.51 2.98
N VAL A 69 4.61 14.22 2.45
CA VAL A 69 4.74 14.42 1.02
C VAL A 69 6.08 13.85 0.59
N ASN A 70 6.11 13.12 -0.52
CA ASN A 70 7.35 12.51 -0.97
C ASN A 70 7.46 12.65 -2.49
N VAL A 71 8.58 13.22 -2.96
CA VAL A 71 8.77 13.47 -4.39
C VAL A 71 9.34 12.24 -5.05
N ILE A 72 8.66 11.75 -6.10
CA ILE A 72 9.03 10.53 -6.81
C ILE A 72 8.84 10.78 -8.31
N ASP A 73 8.92 9.70 -9.12
CA ASP A 73 8.72 9.82 -10.57
C ASP A 73 9.70 10.85 -11.14
N ALA A 74 10.96 10.76 -10.71
CA ALA A 74 12.02 11.64 -11.23
C ALA A 74 11.63 13.12 -11.11
N GLY A 75 11.04 13.47 -9.97
CA GLY A 75 10.73 14.84 -9.63
C GLY A 75 9.40 15.37 -10.13
N GLU A 76 8.61 14.56 -10.82
CA GLU A 76 7.40 15.05 -11.45
C GLU A 76 6.17 14.88 -10.57
N THR A 77 6.23 14.03 -9.56
CA THR A 77 5.09 13.67 -8.74
C THR A 77 5.40 13.86 -7.27
N VAL A 78 4.42 14.34 -6.52
CA VAL A 78 4.45 14.26 -5.07
C VAL A 78 3.40 13.27 -4.61
N LEU A 79 3.82 12.29 -3.82
CA LEU A 79 2.90 11.33 -3.21
C LEU A 79 2.53 11.81 -1.81
N VAL A 80 1.23 11.89 -1.56
CA VAL A 80 0.68 12.28 -0.27
C VAL A 80 0.34 11.02 0.50
N GLU A 81 0.82 10.92 1.74
CA GLU A 81 0.61 9.71 2.50
C GLU A 81 0.34 10.05 3.96
N GLY A 82 -0.34 9.13 4.64
CA GLY A 82 -0.40 9.20 6.09
C GLY A 82 -1.32 10.24 6.67
N LEU A 83 -2.11 10.93 5.84
CA LEU A 83 -2.91 12.05 6.31
C LEU A 83 -3.80 11.61 7.46
N ARG A 84 -3.74 12.35 8.58
CA ARG A 84 -4.49 11.96 9.76
C ARG A 84 -4.67 13.17 10.66
N VAL A 85 -5.82 13.20 11.32
CA VAL A 85 -6.15 14.22 12.29
C VAL A 85 -6.62 13.50 13.55
N ALA A 86 -6.16 13.97 14.71
CA ALA A 86 -6.57 13.36 15.97
C ALA A 86 -8.09 13.25 16.03
N PRO A 87 -8.63 12.16 16.58
CA PRO A 87 -10.09 12.03 16.66
C PRO A 87 -10.80 13.22 17.27
N TRP A 88 -10.24 13.79 18.33
CA TRP A 88 -10.88 14.89 19.04
C TRP A 88 -10.81 16.20 18.25
N GLU A 89 -10.10 16.22 17.12
CA GLU A 89 -9.96 17.43 16.32
C GLU A 89 -10.59 17.28 14.93
N ARG A 90 -11.32 16.19 14.69
CA ARG A 90 -11.85 15.93 13.37
C ARG A 90 -13.14 16.71 13.12
N GLY A 91 -13.44 16.93 11.85
CA GLY A 91 -14.66 17.61 11.49
C GLY A 91 -14.60 19.11 11.62
N LYS A 92 -13.40 19.70 11.63
CA LYS A 92 -13.21 21.12 11.82
C LYS A 92 -12.42 21.76 10.69
N GLY A 93 -12.11 21.01 9.65
CA GLY A 93 -11.29 21.52 8.55
C GLY A 93 -9.80 21.38 8.73
N VAL A 94 -9.35 20.74 9.81
CA VAL A 94 -7.91 20.66 10.07
C VAL A 94 -7.19 19.97 8.90
N ALA A 95 -7.72 18.85 8.43
CA ALA A 95 -7.06 18.15 7.34
C ALA A 95 -6.96 19.04 6.11
N GLY A 96 -7.99 19.86 5.88
CA GLY A 96 -7.95 20.75 4.73
C GLY A 96 -6.87 21.79 4.85
N LEU A 97 -6.71 22.37 6.04
CA LEU A 97 -5.63 23.33 6.25
C LEU A 97 -4.27 22.68 6.12
N LEU A 98 -4.09 21.49 6.68
CA LEU A 98 -2.81 20.81 6.58
C LEU A 98 -2.47 20.48 5.13
N GLN A 99 -3.47 20.04 4.36
CA GLN A 99 -3.23 19.75 2.95
C GLN A 99 -2.84 21.00 2.18
N ARG A 100 -3.49 22.13 2.50
CA ARG A 100 -3.13 23.40 1.86
C ARG A 100 -1.70 23.81 2.22
N PHE A 101 -1.32 23.68 3.50
CA PHE A 101 0.04 24.01 3.87
C PHE A 101 1.04 23.14 3.09
N CYS A 102 0.76 21.85 2.99
CA CYS A 102 1.70 20.96 2.33
C CYS A 102 1.76 21.25 0.84
N SER A 103 0.64 21.65 0.24
CA SER A 103 0.67 22.04 -1.17
C SER A 103 1.55 23.26 -1.36
N GLN A 104 1.42 24.24 -0.47
CA GLN A 104 2.26 25.43 -0.56
C GLN A 104 3.73 25.07 -0.41
N LEU A 105 4.03 24.17 0.54
CA LEU A 105 5.41 23.74 0.77
C LEU A 105 5.97 23.05 -0.47
N VAL A 106 5.18 22.16 -1.08
CA VAL A 106 5.64 21.49 -2.28
C VAL A 106 5.90 22.50 -3.40
N LYS A 107 4.99 23.47 -3.58
CA LYS A 107 5.18 24.45 -4.64
C LYS A 107 6.44 25.27 -4.43
N ARG A 108 6.82 25.51 -3.18
CA ARG A 108 8.00 26.31 -2.88
C ARG A 108 9.27 25.46 -2.87
N GLN A 109 9.19 24.27 -2.31
CA GLN A 109 10.36 23.41 -2.14
C GLN A 109 10.63 22.57 -3.37
N HIS A 110 9.61 22.29 -4.17
CA HIS A 110 9.72 21.39 -5.31
C HIS A 110 8.98 21.97 -6.51
N PRO A 111 9.49 23.08 -7.06
CA PRO A 111 8.76 23.78 -8.12
C PRO A 111 8.56 22.97 -9.38
N GLY A 112 9.38 21.94 -9.59
CA GLY A 112 9.24 21.08 -10.76
C GLY A 112 8.15 20.04 -10.66
N VAL A 113 7.60 19.78 -9.47
CA VAL A 113 6.54 18.78 -9.36
C VAL A 113 5.33 19.21 -10.17
N LYS A 114 4.79 18.29 -10.96
CA LYS A 114 3.66 18.57 -11.83
C LYS A 114 2.31 18.05 -11.33
N VAL A 115 2.29 16.93 -10.60
CA VAL A 115 1.05 16.34 -10.11
C VAL A 115 1.26 15.83 -8.69
N ALA A 116 0.15 15.69 -7.96
CA ALA A 116 0.09 15.00 -6.68
C ALA A 116 -0.66 13.71 -6.91
N ARG A 117 -0.23 12.64 -6.22
CA ARG A 117 -0.86 11.34 -6.31
C ARG A 117 -1.14 10.83 -4.90
N LEU A 118 -2.13 9.95 -4.81
CA LEU A 118 -2.48 9.34 -3.53
C LEU A 118 -3.32 8.12 -3.85
N THR A 119 -3.35 7.16 -2.92
CA THR A 119 -4.23 6.01 -3.03
C THR A 119 -5.22 6.07 -1.86
N ARG A 120 -6.41 5.57 -2.09
CA ARG A 120 -7.45 5.56 -1.08
C ARG A 120 -8.39 4.43 -1.40
N ASP A 121 -9.15 4.01 -0.40
CA ASP A 121 -10.18 3.00 -0.63
C ASP A 121 -11.58 3.49 -0.31
N ASP A 122 -11.72 4.75 0.10
CA ASP A 122 -13.02 5.33 0.37
C ASP A 122 -13.82 5.47 -0.91
N GLN A 123 -15.14 5.33 -0.79
CA GLN A 123 -16.00 5.48 -1.95
C GLN A 123 -15.82 6.86 -2.56
N LEU A 124 -15.68 6.90 -3.88
CA LEU A 124 -15.44 8.14 -4.61
C LEU A 124 -16.77 8.74 -5.04
N GLY A 125 -16.88 10.07 -4.91
CA GLY A 125 -18.09 10.78 -5.27
C GLY A 125 -17.82 11.87 -6.30
N PRO A 126 -18.87 12.60 -6.68
CA PRO A 126 -18.71 13.62 -7.72
C PRO A 126 -17.57 14.60 -7.44
N ARG A 127 -17.42 15.01 -6.17
CA ARG A 127 -16.34 15.92 -5.82
C ARG A 127 -14.99 15.31 -6.15
N GLU A 128 -14.74 14.10 -5.66
CA GLU A 128 -13.47 13.43 -5.97
C GLU A 128 -13.27 13.35 -7.48
N LEU A 129 -14.36 13.13 -8.23
CA LEU A 129 -14.32 13.00 -9.68
C LEU A 129 -13.95 14.30 -10.38
N LYS A 130 -13.99 15.43 -9.68
CA LYS A 130 -13.64 16.73 -10.24
C LYS A 130 -12.29 17.22 -9.79
N LYS A 131 -11.85 16.83 -8.61
CA LYS A 131 -10.53 17.20 -8.11
C LYS A 131 -9.45 16.29 -8.67
N TYR A 132 -9.81 15.04 -8.99
CA TYR A 132 -8.82 14.03 -9.34
C TYR A 132 -9.20 13.33 -10.64
N ARG A 133 -8.17 12.88 -11.35
CA ARG A 133 -8.32 11.83 -12.35
C ARG A 133 -8.10 10.49 -11.66
N LEU A 134 -8.88 9.48 -12.05
CA LEU A 134 -8.62 8.11 -11.62
C LEU A 134 -7.63 7.47 -12.59
N ILE A 135 -6.42 7.15 -12.11
CA ILE A 135 -5.41 6.50 -12.94
C ILE A 135 -5.72 5.03 -13.13
N THR A 136 -6.05 4.35 -12.05
CA THR A 136 -6.39 2.93 -12.10
C THR A 136 -7.01 2.57 -10.77
N LYS A 137 -7.45 1.32 -10.66
CA LYS A 137 -7.97 0.78 -9.42
C LYS A 137 -7.72 -0.71 -9.40
N GLN A 138 -7.61 -1.24 -8.19
CA GLN A 138 -7.46 -2.67 -7.96
C GLN A 138 -8.51 -3.08 -6.94
N GLY A 139 -8.94 -4.33 -7.01
CA GLY A 139 -9.72 -4.87 -5.93
C GLY A 139 -8.86 -5.21 -4.74
N ILE A 140 -9.47 -5.25 -3.54
CA ILE A 140 -8.78 -5.47 -2.29
C ILE A 140 -9.39 -6.70 -1.62
N LEU A 141 -8.56 -7.71 -1.36
CA LEU A 141 -8.95 -8.90 -0.62
C LEU A 141 -8.15 -8.96 0.65
N LEU A 142 -8.83 -8.95 1.79
CA LEU A 142 -8.18 -8.93 3.09
C LEU A 142 -8.58 -10.17 3.87
N VAL A 143 -7.58 -10.99 4.22
CA VAL A 143 -7.80 -12.22 4.97
C VAL A 143 -6.86 -12.22 6.16
N ARG A 144 -7.21 -13.02 7.16
N ARG A 144 -7.18 -13.10 7.11
CA ARG A 144 -6.38 -13.14 8.36
CA ARG A 144 -6.44 -13.17 8.36
C ARG A 144 -6.22 -14.60 8.72
C ARG A 144 -6.21 -14.65 8.68
N PHE A 145 -5.08 -14.91 9.33
CA PHE A 145 -4.77 -16.26 9.78
C PHE A 145 -3.71 -16.24 10.84
N ASN A 146 -3.64 -17.32 11.59
CA ASN A 146 -2.54 -17.58 12.53
C ASN A 146 -1.47 -18.35 11.76
N ALA A 147 -0.24 -17.84 11.76
CA ALA A 147 0.78 -18.42 10.92
C ALA A 147 1.13 -19.84 11.32
N SER A 148 1.14 -20.16 12.62
CA SER A 148 1.44 -21.52 13.03
C SER A 148 0.34 -22.48 12.58
N ALA A 149 -0.92 -22.02 12.62
CA ALA A 149 -2.01 -22.85 12.12
C ALA A 149 -1.86 -23.09 10.62
N LEU A 150 -1.54 -22.06 9.85
CA LEU A 150 -1.33 -22.23 8.41
C LEU A 150 -0.17 -23.18 8.16
N LEU A 151 0.96 -22.99 8.83
CA LEU A 151 2.11 -23.87 8.68
C LEU A 151 1.77 -25.32 8.97
N ALA A 152 0.94 -25.59 9.98
CA ALA A 152 0.64 -26.96 10.33
C ALA A 152 -0.32 -27.64 9.36
N GLY A 153 -1.26 -26.88 8.80
CA GLY A 153 -2.33 -27.48 8.04
C GLY A 153 -2.22 -27.30 6.53
N LEU A 154 -1.35 -26.40 6.06
CA LEU A 154 -1.37 -26.04 4.64
C LEU A 154 -0.99 -27.21 3.75
N GLY A 155 0.07 -27.94 4.10
CA GLY A 155 0.48 -29.04 3.26
C GLY A 155 -0.62 -30.06 3.06
N ALA A 156 -1.34 -30.40 4.12
CA ALA A 156 -2.41 -31.37 4.00
C ALA A 156 -3.59 -30.82 3.21
N ARG A 157 -3.88 -29.53 3.32
CA ARG A 157 -4.94 -28.96 2.49
C ARG A 157 -4.55 -29.01 1.02
N LEU A 158 -3.31 -28.65 0.72
CA LEU A 158 -2.85 -28.76 -0.66
C LEU A 158 -2.90 -30.19 -1.17
N ALA A 159 -2.53 -31.16 -0.33
CA ALA A 159 -2.58 -32.55 -0.75
C ALA A 159 -4.01 -32.94 -1.09
N ALA A 160 -4.97 -32.51 -0.29
CA ALA A 160 -6.36 -32.86 -0.55
C ALA A 160 -6.85 -32.19 -1.82
N LEU A 161 -6.48 -30.94 -2.04
CA LEU A 161 -6.89 -30.23 -3.24
C LEU A 161 -6.30 -30.90 -4.48
N ARG A 162 -5.05 -31.35 -4.38
CA ARG A 162 -4.40 -32.00 -5.53
C ARG A 162 -5.01 -33.37 -5.81
N THR A 163 -5.17 -34.20 -4.78
CA THR A 163 -5.67 -35.55 -5.00
C THR A 163 -7.11 -35.54 -5.47
N SER A 164 -7.92 -34.56 -5.06
CA SER A 164 -9.28 -34.47 -5.56
C SER A 164 -9.38 -33.85 -6.95
N GLY A 165 -8.25 -33.39 -7.50
CA GLY A 165 -8.24 -32.72 -8.79
C GLY A 165 -8.78 -31.32 -8.77
N THR A 166 -9.02 -30.75 -7.57
CA THR A 166 -9.61 -29.44 -7.46
C THR A 166 -8.61 -28.34 -7.77
N PHE A 167 -7.40 -28.45 -7.25
CA PHE A 167 -6.40 -27.42 -7.43
C PHE A 167 -5.00 -28.00 -7.31
N SER A 168 -4.20 -27.75 -8.34
N SER A 168 -4.16 -27.67 -8.30
CA SER A 168 -2.78 -27.92 -8.24
CA SER A 168 -2.74 -28.02 -8.29
C SER A 168 -2.15 -26.62 -8.72
C SER A 168 -1.99 -26.80 -8.84
N PRO A 169 -1.13 -26.15 -8.05
CA PRO A 169 -0.57 -24.84 -8.44
C PRO A 169 0.25 -24.95 -9.72
N LEU A 170 0.00 -24.02 -10.62
CA LEU A 170 0.74 -23.99 -11.86
C LEU A 170 2.17 -23.59 -11.62
N PRO A 171 3.07 -23.96 -12.53
CA PRO A 171 4.45 -23.50 -12.43
C PRO A 171 4.52 -21.98 -12.47
N THR A 172 5.44 -21.46 -11.70
CA THR A 172 5.78 -20.03 -11.70
C THR A 172 7.28 -19.90 -11.85
N GLU A 173 7.75 -18.67 -12.09
CA GLU A 173 9.15 -18.44 -12.43
C GLU A 173 9.81 -17.43 -11.48
N ALA A 174 11.08 -17.71 -11.20
CA ALA A 174 11.86 -16.85 -10.34
C ALA A 174 12.14 -15.48 -10.95
N VAL A 175 12.15 -14.49 -10.08
CA VAL A 175 12.46 -13.11 -10.44
C VAL A 175 13.51 -12.62 -9.45
N SER A 176 14.71 -12.34 -9.94
CA SER A 176 15.77 -11.78 -9.11
C SER A 176 15.95 -10.31 -9.46
N GLU A 177 15.67 -9.44 -8.50
CA GLU A 177 15.90 -8.01 -8.72
C GLU A 177 17.38 -7.76 -8.93
N ALA A 178 18.23 -8.35 -8.08
CA ALA A 178 19.67 -8.16 -8.23
C ALA A 178 20.18 -8.61 -9.60
N GLY A 179 19.56 -9.64 -10.17
CA GLY A 179 19.96 -10.16 -11.46
C GLY A 179 19.42 -9.40 -12.65
N GLY A 180 18.62 -8.36 -12.40
CA GLY A 180 18.07 -7.54 -13.46
C GLY A 180 16.70 -7.99 -13.94
N ASP A 181 16.09 -9.02 -13.33
CA ASP A 181 14.84 -9.51 -13.86
C ASP A 181 13.72 -8.51 -13.67
N VAL A 182 13.74 -7.77 -12.55
CA VAL A 182 12.69 -6.80 -12.30
C VAL A 182 12.75 -5.69 -13.33
N ALA A 183 13.94 -5.18 -13.64
CA ALA A 183 14.06 -4.14 -14.64
C ALA A 183 13.55 -4.65 -15.99
N ARG A 184 13.91 -5.88 -16.36
CA ARG A 184 13.44 -6.41 -17.64
C ARG A 184 11.93 -6.50 -17.71
N LEU A 185 11.27 -6.76 -16.57
CA LEU A 185 9.81 -6.78 -16.52
C LEU A 185 9.21 -5.38 -16.55
N LEU A 186 9.63 -4.52 -15.62
CA LEU A 186 8.91 -3.26 -15.42
C LEU A 186 9.20 -2.25 -16.49
N LEU A 187 10.34 -2.36 -17.19
CA LEU A 187 10.68 -1.46 -18.28
C LEU A 187 10.21 -1.96 -19.64
N SER A 188 9.52 -3.10 -19.69
CA SER A 188 8.98 -3.60 -20.93
C SER A 188 7.74 -2.81 -21.31
N PRO A 189 7.68 -2.22 -22.49
CA PRO A 189 6.45 -1.51 -22.88
C PRO A 189 5.23 -2.40 -22.90
N SER A 190 5.37 -3.68 -23.27
CA SER A 190 4.20 -4.56 -23.32
C SER A 190 3.71 -4.90 -21.90
N VAL A 191 4.63 -5.15 -20.96
CA VAL A 191 4.22 -5.33 -19.57
C VAL A 191 3.47 -4.09 -19.07
N GLN A 192 4.02 -2.91 -19.34
CA GLN A 192 3.39 -1.66 -18.92
C GLN A 192 1.96 -1.54 -19.47
N ARG A 193 1.76 -1.85 -20.75
N ARG A 193 1.77 -1.89 -20.74
CA ARG A 193 0.44 -1.65 -21.32
CA ARG A 193 0.48 -1.66 -21.39
C ARG A 193 -0.53 -2.74 -20.91
C ARG A 193 -0.53 -2.74 -21.02
N ASP A 194 -0.07 -3.99 -20.89
CA ASP A 194 -0.97 -5.13 -20.78
C ASP A 194 -1.07 -5.80 -19.41
N VAL A 195 -0.09 -5.62 -18.52
CA VAL A 195 -0.06 -6.29 -17.22
C VAL A 195 -0.28 -5.30 -16.09
N LEU A 196 0.44 -4.19 -16.10
CA LEU A 196 0.41 -3.29 -14.94
C LEU A 196 -0.91 -2.53 -14.95
N PRO A 197 -1.52 -2.30 -13.79
CA PRO A 197 -2.80 -1.55 -13.77
C PRO A 197 -2.55 -0.08 -14.11
N GLY A 198 -3.22 0.40 -15.15
CA GLY A 198 -3.03 1.75 -15.61
C GLY A 198 -1.56 2.08 -15.87
N GLY A 199 -0.79 1.09 -16.28
CA GLY A 199 0.62 1.31 -16.53
C GLY A 199 1.44 1.65 -15.31
N THR A 200 0.96 1.34 -14.11
CA THR A 200 1.58 1.81 -12.88
C THR A 200 1.96 0.63 -12.00
N ILE A 201 3.09 0.74 -11.31
CA ILE A 201 3.43 -0.17 -10.23
C ILE A 201 2.78 0.35 -8.96
N ILE A 202 2.02 -0.48 -8.26
CA ILE A 202 1.53 -0.16 -6.93
C ILE A 202 2.16 -1.16 -5.98
N GLN A 203 2.87 -0.64 -4.96
CA GLN A 203 3.59 -1.47 -4.02
C GLN A 203 3.17 -1.03 -2.62
N ASP A 204 2.40 -1.85 -1.92
CA ASP A 204 1.98 -1.48 -0.55
C ASP A 204 1.43 -0.06 -0.53
N TRP A 205 0.46 0.18 -1.41
CA TRP A 205 -0.30 1.41 -1.57
C TRP A 205 0.49 2.55 -2.22
N GLN A 206 1.76 2.33 -2.53
CA GLN A 206 2.62 3.40 -3.04
C GLN A 206 2.77 3.24 -4.55
N PRO A 207 2.33 4.23 -5.33
CA PRO A 207 2.39 4.13 -6.80
C PRO A 207 3.69 4.66 -7.35
N TYR A 208 4.21 3.96 -8.35
CA TYR A 208 5.43 4.37 -9.05
C TYR A 208 5.24 4.25 -10.56
N ARG A 209 5.59 5.30 -11.28
CA ARG A 209 5.74 5.16 -12.73
C ARG A 209 6.87 4.17 -13.03
N PRO A 210 6.73 3.31 -14.03
CA PRO A 210 7.80 2.33 -14.27
C PRO A 210 8.99 3.00 -14.96
N SER A 211 10.04 3.30 -14.20
CA SER A 211 11.21 4.06 -14.67
C SER A 211 12.43 3.59 -13.91
N GLU A 212 13.61 3.81 -14.49
CA GLU A 212 14.85 3.47 -13.78
C GLU A 212 14.94 4.14 -12.42
N SER A 213 14.65 5.42 -12.36
N SER A 213 14.64 5.44 -12.34
CA SER A 213 14.73 6.13 -11.08
CA SER A 213 14.74 6.13 -11.04
C SER A 213 13.84 5.50 -10.01
C SER A 213 13.84 5.49 -10.00
N ASN A 214 12.62 5.11 -10.38
CA ASN A 214 11.75 4.48 -9.39
C ASN A 214 12.18 3.05 -9.08
N LEU A 215 12.74 2.33 -10.05
CA LEU A 215 13.20 0.97 -9.74
C LEU A 215 14.29 0.99 -8.66
N ARG A 216 15.11 2.05 -8.61
CA ARG A 216 16.10 2.17 -7.53
C ARG A 216 15.41 2.25 -6.19
N LEU A 217 14.31 2.99 -6.12
CA LEU A 217 13.59 3.10 -4.86
C LEU A 217 12.98 1.77 -4.46
N LEU A 218 12.42 1.04 -5.42
CA LEU A 218 11.85 -0.26 -5.13
C LEU A 218 12.93 -1.26 -4.68
N ALA A 219 14.10 -1.21 -5.30
CA ALA A 219 15.15 -2.20 -5.04
C ALA A 219 15.71 -2.12 -3.63
N ALA A 220 15.60 -0.97 -2.97
CA ALA A 220 16.08 -0.83 -1.60
C ALA A 220 15.13 -1.39 -0.55
N LYS A 221 13.93 -1.82 -0.92
CA LYS A 221 12.94 -2.23 0.04
C LYS A 221 12.95 -3.72 0.34
N GLY A 222 13.73 -4.54 -0.38
CA GLY A 222 13.75 -5.96 -0.05
C GLY A 222 12.46 -6.70 -0.41
N LEU A 223 11.84 -6.30 -1.50
CA LEU A 223 10.64 -6.95 -1.97
C LEU A 223 10.97 -8.33 -2.52
N GLU A 224 9.94 -9.18 -2.62
CA GLU A 224 10.03 -10.46 -3.30
C GLU A 224 9.05 -10.48 -4.44
N TRP A 225 9.49 -10.92 -5.62
CA TRP A 225 8.70 -10.89 -6.83
C TRP A 225 8.52 -12.32 -7.35
N ARG A 226 7.43 -12.55 -8.08
CA ARG A 226 7.20 -13.81 -8.80
C ARG A 226 6.46 -13.47 -10.08
N VAL A 227 6.59 -14.33 -11.10
CA VAL A 227 5.93 -14.08 -12.37
C VAL A 227 5.54 -15.44 -12.96
N ASP A 228 4.59 -15.42 -13.88
CA ASP A 228 4.21 -16.67 -14.52
C ASP A 228 5.26 -17.10 -15.53
N SER A 229 5.80 -16.16 -16.31
CA SER A 229 6.79 -16.45 -17.33
C SER A 229 7.62 -15.19 -17.52
N ARG A 230 8.94 -15.28 -17.34
CA ARG A 230 9.77 -14.12 -17.66
C ARG A 230 9.72 -13.83 -19.16
N ALA A 231 9.58 -14.88 -19.99
CA ALA A 231 9.66 -14.67 -21.43
C ALA A 231 8.40 -14.03 -21.98
N ARG A 232 7.25 -14.35 -21.40
CA ARG A 232 5.93 -13.92 -21.87
C ARG A 232 5.10 -13.58 -20.64
N PRO A 233 5.42 -12.49 -19.97
CA PRO A 233 4.78 -12.21 -18.67
C PRO A 233 3.33 -11.82 -18.84
N ARG A 234 2.49 -12.41 -18.00
CA ARG A 234 1.08 -12.04 -17.96
C ARG A 234 0.57 -11.79 -16.53
N VAL A 235 1.18 -12.41 -15.53
CA VAL A 235 0.86 -12.15 -14.12
C VAL A 235 2.15 -11.97 -13.35
N LEU A 236 2.29 -10.83 -12.67
CA LEU A 236 3.44 -10.47 -11.88
C LEU A 236 2.95 -10.10 -10.50
N THR A 237 3.57 -10.66 -9.47
CA THR A 237 3.19 -10.39 -8.08
C THR A 237 4.38 -9.88 -7.30
N LEU A 238 4.07 -9.06 -6.29
CA LEU A 238 5.06 -8.33 -5.52
C LEU A 238 4.65 -8.43 -4.06
N CYS A 239 5.53 -8.99 -3.23
CA CYS A 239 5.28 -9.11 -1.79
C CYS A 239 6.19 -8.16 -1.03
N THR A 240 5.58 -7.30 -0.23
CA THR A 240 6.28 -6.40 0.67
C THR A 240 6.58 -7.16 1.97
N ARG A 241 7.80 -7.04 2.46
CA ARG A 241 8.16 -7.75 3.68
C ARG A 241 7.16 -7.41 4.79
N PRO A 242 6.69 -8.40 5.56
CA PRO A 242 5.70 -8.10 6.59
C PRO A 242 6.26 -7.21 7.68
N PHE A 243 5.38 -6.43 8.28
CA PHE A 243 5.77 -5.50 9.33
C PHE A 243 4.73 -5.46 10.43
N PRO A 244 5.12 -5.09 11.64
CA PRO A 244 4.17 -5.01 12.77
C PRO A 244 3.12 -3.95 12.53
N ILE A 245 1.90 -4.28 12.95
CA ILE A 245 0.79 -3.33 12.94
C ILE A 245 0.12 -3.39 14.31
N PRO A 246 -0.56 -2.30 14.69
CA PRO A 246 -1.13 -2.22 16.04
C PRO A 246 -2.39 -3.05 16.27
N HIS A 247 -2.99 -3.57 15.21
CA HIS A 247 -4.22 -4.35 15.33
C HIS A 247 -4.13 -5.28 16.52
N GLY A 248 -5.19 -5.29 17.32
CA GLY A 248 -5.32 -6.24 18.42
C GLY A 248 -4.68 -5.79 19.69
N GLY A 249 -3.79 -4.80 19.65
CA GLY A 249 -3.28 -4.19 20.84
C GLY A 249 -2.20 -4.97 21.56
N ASP A 250 -1.76 -6.07 21.01
CA ASP A 250 -0.92 -6.99 21.76
C ASP A 250 0.41 -7.28 21.10
N GLY A 251 0.74 -6.65 19.99
CA GLY A 251 2.02 -6.88 19.38
C GLY A 251 2.14 -8.16 18.59
N THR A 252 1.07 -8.93 18.44
CA THR A 252 1.15 -10.23 17.78
C THR A 252 0.84 -10.18 16.30
N TRP A 253 0.44 -9.03 15.76
CA TRP A 253 -0.04 -8.95 14.38
C TRP A 253 1.01 -8.38 13.44
N ARG A 254 1.04 -8.95 12.25
CA ARG A 254 1.86 -8.45 11.16
C ARG A 254 0.97 -8.24 9.94
N TYR A 255 1.43 -7.36 9.06
CA TYR A 255 0.73 -7.05 7.81
C TYR A 255 1.57 -7.54 6.64
N LEU A 256 0.95 -8.38 5.80
CA LEU A 256 1.61 -8.97 4.62
C LEU A 256 0.85 -8.47 3.39
N ASN A 257 1.49 -7.59 2.63
CA ASN A 257 0.91 -6.96 1.45
C ASN A 257 1.42 -7.64 0.18
N ILE A 258 0.49 -8.10 -0.65
CA ILE A 258 0.85 -8.67 -1.93
C ILE A 258 0.08 -7.91 -3.00
N ASP A 259 0.81 -7.35 -3.96
CA ASP A 259 0.21 -6.71 -5.12
C ASP A 259 0.32 -7.63 -6.33
N ALA A 260 -0.80 -7.85 -7.01
CA ALA A 260 -0.87 -8.76 -8.14
C ALA A 260 -1.30 -8.01 -9.38
N PHE A 261 -0.53 -8.13 -10.46
CA PHE A 261 -0.77 -7.42 -11.70
C PHE A 261 -1.05 -8.47 -12.77
N GLY A 262 -2.19 -8.35 -13.43
CA GLY A 262 -2.54 -9.22 -14.55
C GLY A 262 -3.86 -9.94 -14.34
N SER A 263 -4.26 -10.67 -15.37
N SER A 263 -4.26 -10.67 -15.37
CA SER A 263 -5.64 -11.14 -15.49
CA SER A 263 -5.65 -11.13 -15.45
C SER A 263 -5.85 -12.64 -15.32
C SER A 263 -5.84 -12.65 -15.39
N ASP A 264 -4.80 -13.44 -15.17
CA ASP A 264 -4.92 -14.91 -15.12
C ASP A 264 -5.11 -15.32 -13.65
N GLY A 265 -6.36 -15.58 -13.28
CA GLY A 265 -6.67 -15.89 -11.89
C GLY A 265 -5.93 -17.11 -11.37
N ALA A 266 -5.77 -18.13 -12.21
CA ALA A 266 -5.04 -19.33 -11.79
C ALA A 266 -3.59 -19.01 -11.43
N GLN A 267 -2.96 -18.09 -12.17
CA GLN A 267 -1.60 -17.69 -11.80
C GLN A 267 -1.59 -16.82 -10.55
N VAL A 268 -2.57 -15.93 -10.37
CA VAL A 268 -2.66 -15.22 -9.09
C VAL A 268 -2.78 -16.21 -7.93
N GLN A 269 -3.59 -17.26 -8.09
CA GLN A 269 -3.69 -18.25 -7.02
C GLN A 269 -2.35 -18.91 -6.75
N SER A 270 -1.67 -19.38 -7.80
N SER A 270 -1.67 -19.36 -7.82
CA SER A 270 -0.41 -20.07 -7.60
CA SER A 270 -0.41 -20.05 -7.63
C SER A 270 0.65 -19.13 -7.01
C SER A 270 0.64 -19.13 -7.01
N GLN A 271 0.70 -17.88 -7.47
CA GLN A 271 1.69 -16.96 -6.96
C GLN A 271 1.37 -16.53 -5.54
N LEU A 272 0.10 -16.32 -5.21
CA LEU A 272 -0.26 -16.06 -3.81
C LEU A 272 0.24 -17.18 -2.92
N LEU A 273 -0.04 -18.41 -3.32
CA LEU A 273 0.43 -19.55 -2.54
C LEU A 273 1.94 -19.53 -2.39
N TRP A 274 2.65 -19.24 -3.48
CA TRP A 274 4.11 -19.20 -3.42
C TRP A 274 4.58 -18.19 -2.36
N HIS A 275 4.02 -16.99 -2.37
CA HIS A 275 4.44 -15.98 -1.40
C HIS A 275 4.07 -16.38 0.02
N LEU A 276 2.89 -16.97 0.22
CA LEU A 276 2.54 -17.42 1.57
C LEU A 276 3.53 -18.46 2.06
N GLN A 277 3.91 -19.40 1.20
CA GLN A 277 4.87 -20.42 1.60
C GLN A 277 6.23 -19.80 1.89
N ARG A 278 6.63 -18.78 1.13
CA ARG A 278 7.91 -18.11 1.40
C ARG A 278 7.87 -17.36 2.72
N GLN A 279 6.77 -16.68 3.01
CA GLN A 279 6.71 -15.75 4.14
C GLN A 279 6.28 -16.40 5.45
N ALA A 280 5.48 -17.46 5.41
CA ALA A 280 4.91 -17.95 6.67
C ALA A 280 5.95 -18.46 7.66
N PRO A 281 7.04 -19.12 7.27
CA PRO A 281 7.95 -19.67 8.27
C PRO A 281 8.50 -18.60 9.22
N ARG A 282 8.85 -17.41 8.72
CA ARG A 282 9.32 -16.35 9.60
C ARG A 282 8.23 -15.73 10.45
N LEU A 283 6.96 -16.00 10.15
CA LEU A 283 5.83 -15.44 10.88
C LEU A 283 5.31 -16.40 11.94
N VAL A 284 6.00 -17.53 12.16
CA VAL A 284 5.60 -18.50 13.16
C VAL A 284 5.35 -17.80 14.49
N GLY A 285 4.23 -18.17 15.11
CA GLY A 285 3.84 -17.63 16.39
C GLY A 285 3.17 -16.29 16.33
N LEU A 286 2.93 -15.74 15.14
CA LEU A 286 2.30 -14.45 14.97
C LEU A 286 0.99 -14.61 14.21
N ASN A 287 0.19 -13.55 14.24
CA ASN A 287 -1.06 -13.45 13.49
C ASN A 287 -0.83 -12.51 12.32
N VAL A 288 -1.49 -12.80 11.20
CA VAL A 288 -1.19 -12.15 9.94
C VAL A 288 -2.46 -11.58 9.33
N MET A 289 -2.41 -10.29 8.98
CA MET A 289 -3.39 -9.70 8.10
C MET A 289 -2.72 -9.72 6.72
N CYS A 290 -3.27 -10.48 5.76
CA CYS A 290 -2.70 -10.58 4.43
C CYS A 290 -3.64 -9.87 3.48
N GLN A 291 -3.15 -8.85 2.77
CA GLN A 291 -4.00 -8.05 1.91
C GLN A 291 -3.48 -8.18 0.48
N LEU A 292 -4.32 -8.70 -0.40
CA LEU A 292 -4.00 -8.94 -1.81
C LEU A 292 -4.76 -7.93 -2.64
N PHE A 293 -4.04 -7.27 -3.56
CA PHE A 293 -4.60 -6.28 -4.46
C PHE A 293 -4.53 -6.89 -5.84
N LEU A 294 -5.65 -6.90 -6.56
CA LEU A 294 -5.71 -7.66 -7.81
C LEU A 294 -6.82 -7.11 -8.69
N GLU A 295 -6.83 -7.53 -9.96
CA GLU A 295 -7.86 -7.03 -10.85
C GLU A 295 -9.24 -7.40 -10.32
N PRO A 296 -10.21 -6.47 -10.39
CA PRO A 296 -11.52 -6.71 -9.73
C PRO A 296 -12.21 -8.02 -10.10
N GLN A 297 -12.13 -8.46 -11.35
CA GLN A 297 -12.88 -9.63 -11.78
C GLN A 297 -12.28 -10.94 -11.28
N LEU A 298 -11.15 -10.89 -10.60
CA LEU A 298 -10.53 -12.04 -9.98
C LEU A 298 -10.84 -12.16 -8.50
N TRP A 299 -11.46 -11.15 -7.91
CA TRP A 299 -11.63 -11.10 -6.47
C TRP A 299 -12.40 -12.31 -5.95
N SER A 300 -13.55 -12.61 -6.54
CA SER A 300 -14.36 -13.73 -6.03
C SER A 300 -13.61 -15.05 -6.11
N GLN A 301 -12.96 -15.32 -7.24
CA GLN A 301 -12.14 -16.53 -7.36
C GLN A 301 -11.09 -16.64 -6.26
N LEU A 302 -10.39 -15.55 -6.00
CA LEU A 302 -9.32 -15.59 -5.00
C LEU A 302 -9.90 -15.64 -3.59
N ALA A 303 -11.03 -14.97 -3.34
CA ALA A 303 -11.63 -15.05 -2.01
C ALA A 303 -12.03 -16.48 -1.69
N ASP A 304 -12.61 -17.18 -2.66
N ASP A 304 -12.62 -17.17 -2.66
CA ASP A 304 -12.99 -18.57 -2.47
CA ASP A 304 -12.98 -18.57 -2.46
C ASP A 304 -11.77 -19.46 -2.25
C ASP A 304 -11.75 -19.43 -2.23
N PHE A 305 -10.71 -19.24 -3.03
CA PHE A 305 -9.47 -20.01 -2.84
C PHE A 305 -8.94 -19.83 -1.43
N CYS A 306 -8.85 -18.59 -0.99
CA CYS A 306 -8.30 -18.30 0.34
C CYS A 306 -9.14 -18.94 1.44
N GLN A 307 -10.46 -18.79 1.36
CA GLN A 307 -11.33 -19.28 2.43
C GLN A 307 -11.49 -20.81 2.40
N VAL A 308 -12.03 -21.32 1.30
CA VAL A 308 -12.35 -22.75 1.21
C VAL A 308 -11.10 -23.57 0.97
N GLY A 309 -10.22 -23.08 0.08
CA GLY A 309 -9.05 -23.85 -0.24
C GLY A 309 -8.00 -23.83 0.85
N LEU A 310 -7.62 -22.63 1.30
CA LEU A 310 -6.49 -22.46 2.19
C LEU A 310 -6.88 -22.32 3.65
N GLY A 311 -8.16 -22.14 3.94
CA GLY A 311 -8.61 -22.07 5.33
C GLY A 311 -8.32 -20.75 5.99
N LEU A 312 -8.22 -19.67 5.23
CA LEU A 312 -8.01 -18.34 5.79
C LEU A 312 -9.37 -17.69 5.99
N GLU A 313 -9.43 -16.71 6.88
CA GLU A 313 -10.69 -16.02 7.17
C GLU A 313 -10.77 -14.69 6.44
N LEU A 314 -11.88 -14.45 5.75
CA LEU A 314 -12.13 -13.16 5.10
C LEU A 314 -12.50 -12.11 6.14
N VAL A 315 -11.79 -10.99 6.13
CA VAL A 315 -11.99 -9.93 7.14
C VAL A 315 -13.17 -9.04 6.77
N LYS A 316 -13.36 -8.77 5.49
CA LYS A 316 -14.42 -7.87 5.05
C LYS A 316 -14.73 -8.18 3.59
N GLY A 317 -15.81 -7.60 3.10
CA GLY A 317 -16.23 -7.79 1.73
C GLY A 317 -15.39 -6.97 0.77
N TYR A 318 -15.84 -6.98 -0.48
CA TYR A 318 -15.12 -6.31 -1.55
C TYR A 318 -15.00 -4.82 -1.33
N THR A 319 -13.78 -4.28 -1.51
CA THR A 319 -13.49 -2.86 -1.56
C THR A 319 -12.44 -2.65 -2.66
N GLU A 320 -12.17 -1.40 -3.00
CA GLU A 320 -11.25 -1.09 -4.08
C GLU A 320 -10.21 -0.07 -3.62
N GLN A 321 -9.02 -0.21 -4.21
CA GLN A 321 -7.92 0.74 -4.07
C GLN A 321 -7.91 1.63 -5.31
N TYR A 322 -8.11 2.93 -5.12
CA TYR A 322 -8.09 3.91 -6.19
C TYR A 322 -6.77 4.65 -6.20
N LEU A 323 -6.16 4.78 -7.37
CA LEU A 323 -5.01 5.64 -7.56
C LEU A 323 -5.49 6.94 -8.19
N LEU A 324 -5.34 8.04 -7.45
CA LEU A 324 -5.90 9.33 -7.82
C LEU A 324 -4.77 10.31 -8.11
N GLU A 325 -5.01 11.21 -9.05
CA GLU A 325 -3.99 12.16 -9.46
C GLU A 325 -4.62 13.52 -9.67
N ALA A 326 -3.95 14.56 -9.18
CA ALA A 326 -4.40 15.93 -9.38
C ALA A 326 -3.24 16.80 -9.89
N ASP A 327 -3.56 17.75 -10.74
CA ASP A 327 -2.52 18.62 -11.25
C ASP A 327 -2.11 19.59 -10.16
N ILE A 328 -0.81 19.90 -10.11
CA ILE A 328 -0.29 21.02 -9.32
C ILE A 328 -0.09 22.17 -10.28
N HIS A 329 -0.61 23.33 -9.93
CA HIS A 329 -0.49 24.51 -10.78
C HIS A 329 0.44 25.53 -10.13
C1 GOL B . 2.46 -16.75 -19.83
O1 GOL B . 2.54 -16.27 -21.15
C2 GOL B . 2.37 -18.27 -19.94
O2 GOL B . 3.37 -18.84 -20.70
C3 GOL B . 2.42 -18.81 -18.50
O3 GOL B . 1.10 -19.00 -18.16
H11 GOL B . 1.68 -16.42 -19.35
H12 GOL B . 3.22 -16.51 -19.29
HO1 GOL B . 2.44 -15.42 -21.11
H2 GOL B . 1.53 -18.48 -20.39
HO2 GOL B . 4.09 -18.43 -20.53
H31 GOL B . 2.89 -18.18 -17.94
H32 GOL B . 2.95 -19.62 -18.48
C1 GOL C . -11.57 -24.89 -3.46
O1 GOL C . -12.93 -25.20 -3.42
C2 GOL C . -11.43 -23.69 -4.43
O2 GOL C . -11.74 -22.49 -3.81
C3 GOL C . -9.98 -23.74 -4.93
O3 GOL C . -9.84 -22.66 -5.78
H11 GOL C . -11.21 -24.65 -2.59
H12 GOL C . -11.02 -25.63 -3.77
HO1 GOL C . -13.03 -25.80 -2.82
H2 GOL C . -12.05 -23.78 -5.16
HO2 GOL C . -12.46 -22.60 -3.37
H31 GOL C . -9.82 -24.60 -5.35
H32 GOL C . -9.38 -23.73 -4.16
HO3 GOL C . -9.90 -21.96 -5.30
C1 GOL D . -17.66 -13.83 -1.33
O1 GOL D . -17.98 -12.98 -0.24
C2 GOL D . -16.53 -14.75 -0.87
O2 GOL D . -16.84 -15.35 0.35
C3 GOL D . -16.34 -15.81 -1.97
O3 GOL D . -16.30 -15.15 -3.22
H11 GOL D . -18.42 -14.36 -1.63
H12 GOL D . -17.37 -13.33 -2.12
HO1 GOL D . -18.61 -12.47 -0.50
H2 GOL D . -15.71 -14.24 -0.76
HO2 GOL D . -17.53 -15.85 0.22
H31 GOL D . -17.07 -16.46 -1.91
H32 GOL D . -15.54 -16.31 -1.78
HO3 GOL D . -15.92 -15.66 -3.78
C1 GOL E . -9.66 -3.28 7.97
O1 GOL E . -10.26 -2.16 7.38
C2 GOL E . -10.49 -3.66 9.22
O2 GOL E . -11.73 -4.14 8.87
C3 GOL E . -9.60 -4.68 9.96
O3 GOL E . -10.09 -4.78 11.28
H11 GOL E . -8.74 -3.11 8.24
H12 GOL E . -9.62 -4.04 7.37
HO1 GOL E . -9.66 -1.78 6.89
H2 GOL E . -10.68 -2.90 9.79
HO2 GOL E . -11.62 -4.83 8.40
H31 GOL E . -8.68 -4.38 9.92
H32 GOL E . -9.61 -5.52 9.49
HO3 GOL E . -9.88 -4.06 11.68
C1 GOL F . 9.10 -7.80 -23.99
O1 GOL F . 9.22 -6.41 -23.69
C2 GOL F . 9.32 -8.57 -22.69
O2 GOL F . 8.26 -8.48 -21.80
C3 GOL F . 9.55 -10.00 -23.16
O3 GOL F . 10.33 -10.60 -22.19
H11 GOL F . 9.74 -8.10 -24.65
H12 GOL F . 8.23 -8.02 -24.35
HO1 GOL F . 10.02 -6.27 -23.41
H2 GOL F . 10.09 -8.21 -22.21
HO2 GOL F . 7.55 -8.75 -22.20
H31 GOL F . 9.96 -10.00 -24.03
H32 GOL F . 8.69 -10.44 -23.29
N HIS G . -3.15 7.07 1.20
CA HIS G . -3.04 6.11 2.30
C HIS G . -1.91 6.39 3.23
O HIS G . -0.83 6.78 2.79
CB HIS G . -2.89 4.72 1.69
CG HIS G . -3.09 3.58 2.64
ND1 HIS G . -4.33 3.18 3.07
CD2 HIS G . -2.20 2.73 3.21
CE1 HIS G . -4.22 2.14 3.89
NE2 HIS G . -2.92 1.87 3.99
OXT HIS G . -2.06 6.25 4.44
HA HIS G . -3.85 6.15 2.84
HB2 HIS G . -3.53 4.62 0.97
HB3 HIS G . -1.99 4.64 1.32
HD1 HIS G . -5.08 3.54 2.84
HD2 HIS G . -1.28 2.73 3.09
HE1 HIS G . -4.91 1.70 4.31
C10 A2U H . -8.08 8.53 9.72
C17 A2U H . -7.85 12.97 7.83
C01 A2U H . -3.24 10.24 2.10
C02 A2U H . -3.84 9.46 3.24
C04 A2U H . -6.08 8.20 4.38
C05 A2U H . -7.00 9.21 5.06
C07 A2U H . -7.33 8.26 7.36
C09 A2U H . -6.88 8.41 8.79
C12 A2U H . -8.60 10.90 9.69
C14 A2U H . -9.61 11.97 9.35
C16 A2U H . -9.34 12.61 7.95
C18 A2U H . -9.69 11.61 6.86
C19 A2U H . -10.19 13.87 7.78
C29 A2U H . -13.48 17.59 5.30
C30 A2U H . -13.35 16.89 3.97
C32 A2U H . -15.41 16.46 2.96
C34 A2U H . -17.61 16.11 4.02
C36 A2U H . -17.96 17.92 5.08
C37 A2U H . -18.43 18.99 5.87
C40 A2U H . -16.47 20.09 5.31
C42 A2U H . -16.73 18.07 4.48
C43 A2U H . -14.76 17.56 2.13
C45 A2U H . -13.47 17.94 2.86
N06 A2U H . -6.83 9.17 6.51
N11 A2U H . -8.93 9.66 9.36
N33 A2U H . -16.51 16.90 3.80
N35 A2U H . -18.51 16.68 4.79
N38 A2U H . -19.62 19.00 6.46
N39 A2U H . -17.65 20.10 5.95
N41 A2U H . -15.93 19.15 4.55
O08 A2U H . -8.15 7.38 7.03
O13 A2U H . -7.57 11.22 10.30
O15 A2U H . -10.94 11.48 9.32
O20 A2U H . -9.75 14.83 8.77
O22 A2U H . -11.88 15.59 9.88
O23 A2U H . -9.86 17.13 9.81
O24 A2U H . -11.06 16.60 7.74
O26 A2U H . -12.73 18.36 8.38
O27 A2U H . -10.90 18.86 6.63
O28 A2U H . -12.61 16.97 6.23
O31 A2U H . -14.40 15.93 3.78
O44 A2U H . -14.42 17.05 0.86
O46 A2U H . -12.31 17.92 2.03
O48 A2U H . -12.83 19.37 0.03
O49 A2U H . -11.78 20.38 2.08
O50 A2U H . -10.42 18.82 0.64
P21 A2U H . -10.67 16.06 9.18
P25 A2U H . -11.84 17.92 7.27
P47 A2U H . -11.81 19.19 1.14
S03 A2U H . -5.44 8.75 2.78
H1 A2U H . -7.76 8.64 10.63
H2 A2U H . -8.60 7.71 9.67
H3 A2U H . -7.33 12.15 7.82
H4 A2U H . -7.59 13.53 8.59
H5 A2U H . -7.71 13.47 7.00
H6 A2U H . -3.84 10.98 1.85
H7 A2U H . -2.37 10.61 2.37
H8 A2U H . -3.11 9.65 1.33
H9 A2U H . -3.22 8.73 3.51
H10 A2U H . -3.96 10.06 4.02
H11 A2U H . -5.33 8.01 4.97
H12 A2U H . -6.58 7.36 4.24
H13 A2U H . -7.93 9.00 4.84
H14 A2U H . -6.81 10.10 4.74
H15 A2U H . -6.33 9.20 8.88
H16 A2U H . -6.36 7.63 9.04
H17 A2U H . -9.50 12.65 10.06
H18 A2U H . -9.14 10.82 6.95
H19 A2U H . -10.64 11.35 6.93
H20 A2U H . -9.54 12.01 5.98
H21 A2U H . -11.14 13.66 7.91
H22 A2U H . -10.08 14.23 6.88
H23 A2U H . -13.24 18.56 5.20
H24 A2U H . -14.42 17.54 5.63
H25 A2U H . -12.52 16.36 3.91
H26 A2U H . -15.76 15.74 2.33
H27 A2U H . -17.71 15.26 3.66
H28 A2U H . -15.95 20.88 5.41
H29 A2U H . -15.38 18.32 2.14
H30 A2U H . -13.56 18.84 3.25
H31 A2U H . -6.34 9.81 6.86
H32 A2U H . -9.67 9.51 8.93
H33 A2U H . -19.88 19.71 6.91
H34 A2U H . -20.14 18.28 6.41
H35 A2U H . -11.14 11.19 10.10
H38 A2U H . -13.87 16.40 0.95
CL CL I . -5.60 -26.25 -10.68
#